data_2ZXJ
#
_entry.id   2ZXJ
#
_cell.length_a   65.634
_cell.length_b   45.556
_cell.length_c   78.043
_cell.angle_alpha   90.00
_cell.angle_beta   103.52
_cell.angle_gamma   90.00
#
_symmetry.space_group_name_H-M   'C 1 2 1'
#
loop_
_entity.id
_entity.type
_entity.pdbx_description
1 polymer 'Transcriptional regulatory protein walR'
2 water water
#
_entity_poly.entity_id   1
_entity_poly.type   'polypeptide(L)'
_entity_poly.pdbx_seq_one_letter_code
;MQPAQDTGNVTNEITIKDIVIYPDAYSIKKRGEDIELTHREFELFHYLSKHMGQVMTREHLLQTVWGYDYFGDVRTVDVT
IRRLREKIEDDPSHPEYIVTRRGVGYFLQQHELEHHHHHH
;
_entity_poly.pdbx_strand_id   A,B
#
# COMPACT_ATOMS: atom_id res chain seq x y z
N ASN A 12 14.73 7.50 -3.32
CA ASN A 12 15.29 7.59 -1.95
C ASN A 12 14.85 6.47 -0.98
N GLU A 13 15.45 6.44 0.23
CA GLU A 13 15.46 5.22 1.06
C GLU A 13 14.20 4.85 1.86
N ILE A 14 13.92 3.55 1.97
CA ILE A 14 12.66 3.05 2.48
C ILE A 14 12.99 2.11 3.61
N THR A 15 12.29 2.29 4.73
CA THR A 15 12.53 1.49 5.91
C THR A 15 11.33 0.60 6.23
N ILE A 16 11.62 -0.65 6.45
CA ILE A 16 10.63 -1.60 6.87
C ILE A 16 11.23 -2.45 8.03
N LYS A 17 10.78 -2.20 9.26
CA LYS A 17 11.25 -2.98 10.42
C LYS A 17 12.75 -2.87 10.49
N ASP A 18 13.44 -4.01 10.34
CA ASP A 18 14.92 -4.06 10.51
C ASP A 18 15.64 -3.67 9.24
N ILE A 19 14.90 -3.49 8.16
CA ILE A 19 15.56 -3.42 6.87
C ILE A 19 15.47 -2.04 6.30
N VAL A 20 16.58 -1.56 5.73
CA VAL A 20 16.58 -0.30 4.95
C VAL A 20 16.96 -0.60 3.50
N ILE A 21 16.16 -0.06 2.58
CA ILE A 21 16.33 -0.19 1.14
C ILE A 21 16.97 1.09 0.56
N TYR A 22 17.99 0.92 -0.27
CA TYR A 22 18.74 1.98 -0.94
C TYR A 22 18.62 1.86 -2.46
N PRO A 23 17.53 2.38 -3.07
CA PRO A 23 17.23 2.16 -4.49
C PRO A 23 18.35 2.59 -5.42
N ASP A 24 19.05 3.69 -5.09
CA ASP A 24 20.19 4.20 -5.90
C ASP A 24 21.31 3.20 -6.00
N ALA A 25 21.59 2.53 -4.87
CA ALA A 25 22.63 1.48 -4.73
C ALA A 25 22.18 0.05 -5.07
N TYR A 26 20.90 -0.12 -5.42
CA TYR A 26 20.33 -1.47 -5.56
C TYR A 26 20.79 -2.41 -4.45
N SER A 27 20.69 -1.97 -3.21
CA SER A 27 21.00 -2.85 -2.08
C SER A 27 20.23 -2.51 -0.82
N ILE A 28 20.36 -3.41 0.15
CA ILE A 28 19.67 -3.31 1.43
C ILE A 28 20.63 -3.53 2.58
N LYS A 29 20.26 -3.04 3.75
CA LYS A 29 20.94 -3.41 5.00
C LYS A 29 19.86 -3.89 5.98
N LYS A 30 20.21 -4.89 6.77
CA LYS A 30 19.33 -5.37 7.81
C LYS A 30 20.12 -5.25 9.11
N ARG A 31 19.50 -4.60 10.10
CA ARG A 31 20.18 -4.23 11.33
C ARG A 31 21.58 -3.64 11.01
N GLY A 32 21.66 -2.79 10.00
CA GLY A 32 22.93 -2.14 9.70
C GLY A 32 23.88 -2.94 8.82
N GLU A 33 23.59 -4.22 8.60
CA GLU A 33 24.43 -5.09 7.72
C GLU A 33 23.97 -5.33 6.28
N ASP A 34 24.89 -5.09 5.33
CA ASP A 34 24.66 -5.41 3.91
C ASP A 34 24.16 -6.84 3.73
N ILE A 35 23.19 -7.00 2.84
CA ILE A 35 22.79 -8.31 2.38
C ILE A 35 22.96 -8.36 0.85
N GLU A 36 23.76 -9.29 0.34
CA GLU A 36 23.94 -9.40 -1.11
C GLU A 36 22.66 -9.84 -1.80
N LEU A 37 22.09 -8.97 -2.61
CA LEU A 37 20.90 -9.33 -3.41
C LEU A 37 21.31 -9.20 -4.88
N THR A 38 20.89 -10.16 -5.70
CA THR A 38 20.82 -9.90 -7.16
C THR A 38 20.02 -8.66 -7.59
N HIS A 39 20.31 -8.14 -8.79
CA HIS A 39 19.48 -7.06 -9.37
C HIS A 39 18.00 -7.47 -9.31
N ARG A 40 17.71 -8.68 -9.74
CA ARG A 40 16.34 -9.07 -9.86
C ARG A 40 15.69 -9.21 -8.50
N GLU A 41 16.41 -9.82 -7.57
CA GLU A 41 15.94 -9.92 -6.17
C GLU A 41 15.72 -8.54 -5.62
N PHE A 42 16.64 -7.61 -5.85
CA PHE A 42 16.43 -6.28 -5.30
C PHE A 42 15.21 -5.63 -5.92
N GLU A 43 15.09 -5.74 -7.24
CA GLU A 43 13.93 -5.13 -7.95
C GLU A 43 12.61 -5.66 -7.46
N LEU A 44 12.56 -6.98 -7.22
CA LEU A 44 11.32 -7.58 -6.68
C LEU A 44 11.04 -7.06 -5.27
N PHE A 45 12.08 -7.08 -4.42
CA PHE A 45 11.84 -6.62 -3.03
C PHE A 45 11.44 -5.13 -3.01
N HIS A 46 12.18 -4.33 -3.77
CA HIS A 46 11.89 -2.89 -3.93
C HIS A 46 10.46 -2.64 -4.48
N TYR A 47 10.04 -3.40 -5.49
CA TYR A 47 8.66 -3.21 -5.99
C TYR A 47 7.58 -3.45 -4.92
N LEU A 48 7.66 -4.60 -4.27
CA LEU A 48 6.84 -4.95 -3.10
C LEU A 48 6.84 -3.82 -2.05
N SER A 49 8.00 -3.24 -1.80
CA SER A 49 8.14 -2.23 -0.76
C SER A 49 7.50 -0.91 -1.15
N LYS A 50 7.36 -0.63 -2.44
CA LYS A 50 6.65 0.54 -2.89
C LYS A 50 5.15 0.34 -2.76
N HIS A 51 4.74 -0.89 -2.45
CA HIS A 51 3.32 -1.18 -2.40
C HIS A 51 3.01 -2.00 -1.18
N MET A 52 3.47 -1.49 -0.04
CA MET A 52 3.46 -2.22 1.20
C MET A 52 2.07 -2.73 1.48
N GLY A 53 1.98 -4.01 1.85
CA GLY A 53 0.70 -4.62 2.22
C GLY A 53 -0.30 -4.88 1.12
N GLN A 54 0.11 -4.74 -0.14
CA GLN A 54 -0.75 -5.07 -1.30
C GLN A 54 -0.26 -6.42 -1.88
N VAL A 55 -1.21 -7.33 -2.06
CA VAL A 55 -0.96 -8.65 -2.63
C VAL A 55 -0.83 -8.62 -4.13
N MET A 56 0.33 -9.06 -4.61
CA MET A 56 0.68 -9.12 -6.02
C MET A 56 0.71 -10.54 -6.54
N THR A 57 0.05 -10.77 -7.67
CA THR A 57 0.08 -12.13 -8.25
C THR A 57 1.47 -12.40 -8.82
N ARG A 58 1.84 -13.70 -8.93
CA ARG A 58 3.08 -14.10 -9.60
C ARG A 58 3.14 -13.54 -11.04
N GLU A 59 2.03 -13.63 -11.78
CA GLU A 59 1.98 -13.18 -13.19
C GLU A 59 2.28 -11.63 -13.26
N HIS A 60 1.73 -10.89 -12.29
CA HIS A 60 1.97 -9.48 -12.23
C HIS A 60 3.40 -9.17 -11.91
N LEU A 61 3.97 -9.90 -10.92
CA LEU A 61 5.33 -9.69 -10.54
C LEU A 61 6.27 -10.08 -11.66
N LEU A 62 5.96 -11.16 -12.38
CA LEU A 62 6.80 -11.57 -13.50
C LEU A 62 6.93 -10.45 -14.55
N GLN A 63 5.79 -9.94 -15.05
CA GLN A 63 5.91 -8.99 -16.13
C GLN A 63 6.51 -7.67 -15.62
N THR A 64 6.18 -7.29 -14.39
CA THR A 64 6.68 -6.05 -13.83
C THR A 64 8.17 -6.02 -13.55
N VAL A 65 8.69 -7.10 -12.94
CA VAL A 65 10.11 -7.16 -12.53
C VAL A 65 11.03 -7.76 -13.59
N TRP A 66 10.56 -8.78 -14.31
CA TRP A 66 11.31 -9.39 -15.41
C TRP A 66 11.09 -8.71 -16.73
N GLY A 67 10.00 -7.94 -16.86
CA GLY A 67 9.79 -7.14 -18.10
C GLY A 67 8.70 -7.79 -18.93
N TYR A 68 8.08 -6.98 -19.79
CA TYR A 68 6.86 -7.39 -20.44
C TYR A 68 7.14 -8.37 -21.55
N ASP A 69 8.38 -8.41 -22.04
CA ASP A 69 8.80 -9.38 -23.07
C ASP A 69 9.17 -10.73 -22.44
N TYR A 70 9.16 -10.81 -21.13
CA TYR A 70 9.58 -12.06 -20.47
C TYR A 70 8.44 -13.05 -20.28
N PHE A 71 8.50 -14.16 -21.01
CA PHE A 71 7.50 -15.22 -20.87
C PHE A 71 8.09 -16.57 -20.34
N GLY A 72 9.13 -16.51 -19.56
CA GLY A 72 9.66 -17.75 -18.91
C GLY A 72 8.62 -18.25 -17.93
N ASP A 73 8.83 -19.44 -17.41
CA ASP A 73 7.98 -20.03 -16.41
C ASP A 73 7.80 -19.10 -15.22
N VAL A 74 6.55 -18.98 -14.80
CA VAL A 74 6.17 -18.13 -13.69
C VAL A 74 6.75 -18.49 -12.31
N ARG A 75 7.21 -19.76 -12.18
CA ARG A 75 7.91 -20.25 -11.03
C ARG A 75 9.20 -19.57 -10.79
N THR A 76 9.75 -18.94 -11.81
CA THR A 76 10.89 -18.07 -11.53
C THR A 76 10.58 -16.98 -10.45
N VAL A 77 9.33 -16.52 -10.36
CA VAL A 77 8.94 -15.59 -9.29
C VAL A 77 9.09 -16.30 -7.88
N ASP A 78 8.53 -17.51 -7.75
CA ASP A 78 8.65 -18.30 -6.54
C ASP A 78 10.12 -18.56 -6.16
N VAL A 79 10.97 -18.86 -7.16
CA VAL A 79 12.36 -19.22 -6.88
C VAL A 79 13.05 -17.94 -6.28
N THR A 80 12.74 -16.77 -6.85
CA THR A 80 13.35 -15.54 -6.46
C THR A 80 12.91 -15.10 -5.12
N ILE A 81 11.62 -15.31 -4.84
CA ILE A 81 11.08 -15.00 -3.49
C ILE A 81 11.75 -15.93 -2.44
N ARG A 82 11.94 -17.24 -2.78
CA ARG A 82 12.60 -18.14 -1.86
C ARG A 82 14.00 -17.60 -1.56
N ARG A 83 14.77 -17.28 -2.61
CA ARG A 83 16.13 -16.73 -2.39
C ARG A 83 16.13 -15.48 -1.53
N LEU A 84 15.18 -14.58 -1.80
CA LEU A 84 14.96 -13.36 -0.96
C LEU A 84 14.67 -13.73 0.48
N ARG A 85 13.74 -14.67 0.72
CA ARG A 85 13.51 -15.15 2.08
C ARG A 85 14.76 -15.76 2.76
N GLU A 86 15.53 -16.56 2.04
CA GLU A 86 16.75 -17.14 2.62
C GLU A 86 17.71 -16.04 2.99
N LYS A 87 17.75 -14.93 2.21
CA LYS A 87 18.74 -13.90 2.43
C LYS A 87 18.31 -12.91 3.52
N ILE A 88 17.02 -12.69 3.67
CA ILE A 88 16.60 -11.57 4.50
C ILE A 88 15.82 -11.90 5.76
N GLU A 89 15.30 -13.12 5.83
CA GLU A 89 14.45 -13.49 6.92
C GLU A 89 15.33 -14.13 7.99
N ASP A 90 15.07 -13.75 9.24
CA ASP A 90 15.60 -14.47 10.37
C ASP A 90 15.24 -15.96 10.31
N ASP A 91 14.00 -16.27 9.99
CA ASP A 91 13.53 -17.65 9.85
C ASP A 91 12.61 -17.74 8.62
N PRO A 92 13.13 -18.28 7.48
CA PRO A 92 12.37 -18.20 6.24
C PRO A 92 11.08 -19.01 6.27
N SER A 93 10.95 -19.94 7.20
CA SER A 93 9.73 -20.72 7.31
C SER A 93 8.62 -19.90 8.01
N HIS A 94 8.98 -18.79 8.66
CA HIS A 94 7.97 -17.90 9.25
C HIS A 94 8.32 -16.45 8.83
N PRO A 95 8.10 -16.10 7.53
CA PRO A 95 8.63 -14.83 7.02
C PRO A 95 7.93 -13.64 7.68
N GLU A 96 8.68 -12.61 8.01
CA GLU A 96 8.04 -11.43 8.55
C GLU A 96 8.00 -10.27 7.54
N TYR A 97 8.79 -10.37 6.45
CA TYR A 97 8.73 -9.38 5.35
C TYR A 97 7.86 -9.83 4.18
N ILE A 98 8.30 -10.85 3.44
CA ILE A 98 7.56 -11.30 2.25
C ILE A 98 6.66 -12.49 2.60
N VAL A 99 5.37 -12.23 2.58
CA VAL A 99 4.40 -13.14 3.09
C VAL A 99 3.52 -13.72 1.96
N THR A 100 3.22 -15.03 2.02
CA THR A 100 2.44 -15.68 0.97
C THR A 100 0.99 -15.44 1.35
N ARG A 101 0.12 -15.10 0.39
CA ARG A 101 -1.36 -15.17 0.53
C ARG A 101 -1.74 -16.39 -0.32
N ARG A 102 -2.05 -17.51 0.33
CA ARG A 102 -2.16 -18.77 -0.37
C ARG A 102 -3.20 -18.73 -1.51
N GLY A 103 -2.77 -19.20 -2.69
CA GLY A 103 -3.61 -19.30 -3.86
C GLY A 103 -3.84 -17.96 -4.51
N VAL A 104 -3.03 -16.95 -4.14
CA VAL A 104 -3.19 -15.58 -4.66
C VAL A 104 -1.84 -14.99 -5.08
N GLY A 105 -0.93 -14.81 -4.13
CA GLY A 105 0.32 -14.09 -4.40
C GLY A 105 1.17 -13.76 -3.19
N TYR A 106 1.97 -12.70 -3.29
CA TYR A 106 2.85 -12.31 -2.22
C TYR A 106 2.69 -10.87 -1.88
N PHE A 107 3.06 -10.51 -0.66
CA PHE A 107 3.04 -9.10 -0.31
C PHE A 107 4.11 -8.84 0.70
N LEU A 108 4.45 -7.56 0.86
CA LEU A 108 5.39 -7.10 1.86
C LEU A 108 4.58 -6.66 3.06
N GLN A 109 4.86 -7.33 4.17
CA GLN A 109 4.14 -7.14 5.38
C GLN A 109 4.84 -6.07 6.21
N GLN A 110 4.27 -4.87 6.23
CA GLN A 110 4.82 -3.81 7.07
C GLN A 110 4.37 -3.94 8.57
N HIS A 111 5.10 -3.28 9.47
CA HIS A 111 4.59 -2.99 10.84
C HIS A 111 3.59 -1.80 10.84
N ASN B 12 5.37 3.45 6.83
CA ASN B 12 5.99 4.29 5.76
C ASN B 12 5.00 4.64 4.60
N GLU B 13 5.51 5.42 3.64
CA GLU B 13 4.77 6.01 2.50
C GLU B 13 3.72 5.11 1.81
N ILE B 14 2.60 5.71 1.38
CA ILE B 14 1.57 5.03 0.59
C ILE B 14 1.25 5.94 -0.61
N THR B 15 1.39 5.41 -1.82
CA THR B 15 1.19 6.19 -3.04
C THR B 15 -0.09 5.76 -3.78
N ILE B 16 -1.01 6.68 -4.01
CA ILE B 16 -2.12 6.36 -4.87
C ILE B 16 -2.31 7.39 -6.03
N LYS B 17 -1.91 7.00 -7.26
CA LYS B 17 -1.95 7.91 -8.41
C LYS B 17 -1.12 9.14 -8.03
N ASP B 18 -1.76 10.31 -7.90
CA ASP B 18 -0.99 11.55 -7.71
C ASP B 18 -0.78 11.89 -6.24
N ILE B 19 -1.31 11.02 -5.38
CA ILE B 19 -1.34 11.30 -3.98
C ILE B 19 -0.32 10.38 -3.24
N VAL B 20 0.43 10.98 -2.32
CA VAL B 20 1.25 10.25 -1.33
C VAL B 20 0.72 10.52 0.08
N ILE B 21 0.48 9.43 0.81
CA ILE B 21 -0.01 9.45 2.17
C ILE B 21 1.21 9.16 3.08
N TYR B 22 1.44 10.02 4.07
CA TYR B 22 2.56 9.91 5.04
C TYR B 22 1.92 9.62 6.38
N PRO B 23 1.70 8.32 6.71
CA PRO B 23 0.81 7.90 7.80
C PRO B 23 1.37 8.32 9.12
N ASP B 24 2.67 8.08 9.29
CA ASP B 24 3.43 8.49 10.48
C ASP B 24 3.46 10.02 10.70
N ALA B 25 2.87 10.81 9.81
CA ALA B 25 2.88 12.29 9.90
C ALA B 25 1.51 12.90 9.66
N TYR B 26 0.54 12.04 9.42
CA TYR B 26 -0.86 12.43 9.32
C TYR B 26 -1.15 13.50 8.24
N SER B 27 -0.42 13.37 7.13
CA SER B 27 -0.51 14.31 6.02
C SER B 27 -0.44 13.58 4.67
N ILE B 28 -0.95 14.28 3.64
CA ILE B 28 -0.88 13.85 2.24
C ILE B 28 -0.31 14.96 1.37
N LYS B 29 0.43 14.59 0.34
CA LYS B 29 0.77 15.51 -0.74
C LYS B 29 0.07 15.09 -2.06
N LYS B 30 -0.39 16.06 -2.85
CA LYS B 30 -0.90 15.78 -4.17
C LYS B 30 -0.01 16.53 -5.17
N ARG B 31 0.55 15.75 -6.10
CA ARG B 31 1.56 16.22 -7.06
C ARG B 31 2.71 16.92 -6.35
N GLY B 32 3.05 16.43 -5.16
CA GLY B 32 4.16 17.01 -4.40
C GLY B 32 3.74 18.13 -3.48
N GLU B 33 2.45 18.51 -3.50
CA GLU B 33 1.92 19.66 -2.75
C GLU B 33 1.05 19.30 -1.53
N ASP B 34 1.45 19.78 -0.35
CA ASP B 34 0.71 19.49 0.88
C ASP B 34 -0.74 19.88 0.74
N ILE B 35 -1.61 19.08 1.33
CA ILE B 35 -3.03 19.30 1.31
C ILE B 35 -3.42 19.08 2.76
N GLU B 36 -4.13 20.04 3.32
CA GLU B 36 -4.41 20.06 4.73
C GLU B 36 -5.62 19.24 4.97
N LEU B 37 -5.49 18.24 5.83
CA LEU B 37 -6.64 17.41 6.19
C LEU B 37 -6.90 17.53 7.68
N THR B 38 -8.15 17.43 8.10
CA THR B 38 -8.34 17.26 9.54
C THR B 38 -7.91 15.85 9.97
N HIS B 39 -7.84 15.63 11.29
CA HIS B 39 -7.61 14.32 11.82
C HIS B 39 -8.59 13.22 11.34
N ARG B 40 -9.92 13.45 11.39
CA ARG B 40 -10.84 12.41 10.90
C ARG B 40 -10.72 12.18 9.40
N GLU B 41 -10.54 13.26 8.65
CA GLU B 41 -10.35 13.19 7.21
C GLU B 41 -9.14 12.39 6.88
N PHE B 42 -8.02 12.67 7.56
CA PHE B 42 -6.81 11.85 7.33
C PHE B 42 -7.11 10.37 7.65
N GLU B 43 -7.78 10.10 8.77
CA GLU B 43 -7.93 8.70 9.21
C GLU B 43 -8.83 7.94 8.26
N LEU B 44 -9.88 8.62 7.77
CA LEU B 44 -10.79 8.03 6.78
C LEU B 44 -10.03 7.74 5.48
N PHE B 45 -9.32 8.71 4.95
CA PHE B 45 -8.57 8.50 3.70
C PHE B 45 -7.59 7.35 3.88
N HIS B 46 -6.83 7.36 4.99
CA HIS B 46 -5.80 6.33 5.30
C HIS B 46 -6.37 4.88 5.42
N TYR B 47 -7.44 4.73 6.17
CA TYR B 47 -8.19 3.46 6.25
C TYR B 47 -8.66 2.94 4.87
N LEU B 48 -9.27 3.81 4.04
CA LEU B 48 -9.74 3.40 2.72
C LEU B 48 -8.51 2.98 1.89
N SER B 49 -7.36 3.64 2.12
CA SER B 49 -6.16 3.32 1.31
C SER B 49 -5.54 1.97 1.71
N LYS B 50 -5.86 1.47 2.89
CA LYS B 50 -5.40 0.17 3.33
C LYS B 50 -6.31 -0.93 2.79
N HIS B 51 -7.41 -0.52 2.18
CA HIS B 51 -8.39 -1.47 1.71
C HIS B 51 -8.91 -1.06 0.33
N MET B 52 -7.98 -0.82 -0.56
CA MET B 52 -8.27 -0.39 -1.87
C MET B 52 -9.19 -1.34 -2.62
N GLY B 53 -10.19 -0.77 -3.28
CA GLY B 53 -11.15 -1.56 -4.05
C GLY B 53 -12.22 -2.29 -3.24
N GLN B 54 -12.32 -2.03 -1.95
CA GLN B 54 -13.27 -2.72 -1.08
C GLN B 54 -14.31 -1.70 -0.70
N VAL B 55 -15.57 -2.03 -0.94
CA VAL B 55 -16.67 -1.13 -0.66
C VAL B 55 -16.95 -1.19 0.85
N MET B 56 -16.95 -0.01 1.48
CA MET B 56 -17.11 0.05 2.94
C MET B 56 -18.42 0.75 3.17
N THR B 57 -19.28 0.18 3.97
CA THR B 57 -20.48 0.90 4.34
C THR B 57 -20.17 2.11 5.21
N ARG B 58 -21.08 3.08 5.25
CA ARG B 58 -20.95 4.21 6.15
C ARG B 58 -20.87 3.76 7.58
N GLU B 59 -21.73 2.80 7.94
CA GLU B 59 -21.81 2.25 9.30
C GLU B 59 -20.43 1.64 9.72
N HIS B 60 -19.80 0.93 8.79
CA HIS B 60 -18.48 0.37 9.01
C HIS B 60 -17.38 1.43 9.18
N LEU B 61 -17.42 2.44 8.32
CA LEU B 61 -16.46 3.51 8.38
C LEU B 61 -16.68 4.35 9.66
N LEU B 62 -17.93 4.54 10.05
CA LEU B 62 -18.15 5.21 11.30
C LEU B 62 -17.51 4.53 12.56
N GLN B 63 -17.79 3.24 12.82
CA GLN B 63 -17.23 2.57 13.96
C GLN B 63 -15.70 2.48 13.81
N THR B 64 -15.24 2.34 12.60
CA THR B 64 -13.85 2.17 12.37
C THR B 64 -13.07 3.44 12.63
N VAL B 65 -13.54 4.54 12.06
CA VAL B 65 -12.86 5.82 12.13
C VAL B 65 -13.28 6.73 13.27
N TRP B 66 -14.56 6.80 13.61
CA TRP B 66 -14.98 7.53 14.80
C TRP B 66 -14.90 6.72 16.12
N GLY B 67 -14.71 5.41 16.04
CA GLY B 67 -14.65 4.62 17.28
C GLY B 67 -15.96 3.88 17.60
N TYR B 68 -15.80 2.74 18.29
CA TYR B 68 -16.91 1.84 18.57
C TYR B 68 -17.87 2.43 19.54
N ASP B 69 -17.43 3.46 20.27
CA ASP B 69 -18.40 4.09 21.17
C ASP B 69 -19.14 5.27 20.51
N TYR B 70 -18.78 5.58 19.27
CA TYR B 70 -19.39 6.75 18.57
C TYR B 70 -20.72 6.41 17.86
N PHE B 71 -21.83 6.94 18.36
CA PHE B 71 -23.11 6.71 17.74
C PHE B 71 -23.82 7.99 17.19
N GLY B 72 -23.08 9.01 16.84
CA GLY B 72 -23.71 10.13 16.09
C GLY B 72 -24.22 9.75 14.70
N ASP B 73 -24.87 10.71 14.04
CA ASP B 73 -25.52 10.49 12.78
C ASP B 73 -24.53 10.01 11.79
N VAL B 74 -24.88 8.97 11.04
CA VAL B 74 -23.98 8.37 10.06
C VAL B 74 -23.61 9.29 8.88
N ARG B 75 -24.42 10.34 8.67
CA ARG B 75 -24.13 11.29 7.60
C ARG B 75 -22.85 12.03 7.85
N THR B 76 -22.33 11.97 9.09
CA THR B 76 -20.99 12.59 9.36
C THR B 76 -19.95 11.94 8.48
N VAL B 77 -20.15 10.67 8.16
CA VAL B 77 -19.24 9.97 7.23
C VAL B 77 -19.34 10.69 5.81
N ASP B 78 -20.55 10.86 5.29
CA ASP B 78 -20.76 11.56 4.00
C ASP B 78 -20.16 12.98 3.97
N VAL B 79 -20.33 13.72 5.07
CA VAL B 79 -19.82 15.11 5.13
C VAL B 79 -18.32 15.03 5.05
N THR B 80 -17.71 14.06 5.75
CA THR B 80 -16.25 13.99 5.74
C THR B 80 -15.72 13.52 4.40
N ILE B 81 -16.41 12.58 3.78
CA ILE B 81 -16.02 12.15 2.42
C ILE B 81 -16.16 13.36 1.46
N ARG B 82 -17.18 14.17 1.65
CA ARG B 82 -17.37 15.33 0.73
C ARG B 82 -16.21 16.31 0.92
N ARG B 83 -15.80 16.57 2.17
CA ARG B 83 -14.66 17.48 2.41
C ARG B 83 -13.37 16.90 1.84
N LEU B 84 -13.16 15.59 1.98
CA LEU B 84 -12.01 14.93 1.31
C LEU B 84 -12.02 15.09 -0.17
N ARG B 85 -13.17 14.84 -0.80
CA ARG B 85 -13.26 15.02 -2.24
C ARG B 85 -12.98 16.48 -2.71
N GLU B 86 -13.52 17.45 -1.98
CA GLU B 86 -13.28 18.87 -2.32
C GLU B 86 -11.79 19.16 -2.26
N LYS B 87 -11.08 18.54 -1.32
CA LYS B 87 -9.66 18.83 -1.13
C LYS B 87 -8.77 18.02 -2.09
N ILE B 88 -9.18 16.82 -2.45
CA ILE B 88 -8.25 15.92 -3.18
C ILE B 88 -8.58 15.66 -4.64
N GLU B 89 -9.85 15.78 -5.01
CA GLU B 89 -10.24 15.50 -6.36
C GLU B 89 -9.98 16.68 -7.26
N ASP B 90 -9.51 16.38 -8.47
CA ASP B 90 -9.39 17.37 -9.51
C ASP B 90 -10.75 17.92 -9.89
N ASP B 91 -11.71 17.01 -9.97
CA ASP B 91 -13.08 17.38 -10.24
C ASP B 91 -13.98 16.50 -9.34
N PRO B 92 -14.41 17.07 -8.23
CA PRO B 92 -15.18 16.31 -7.28
C PRO B 92 -16.47 15.74 -7.84
N SER B 93 -16.99 16.33 -8.91
CA SER B 93 -18.16 15.82 -9.64
C SER B 93 -17.92 14.45 -10.28
N HIS B 94 -16.67 14.17 -10.64
CA HIS B 94 -16.35 12.85 -11.16
C HIS B 94 -15.12 12.32 -10.40
N PRO B 95 -15.34 11.78 -9.17
CA PRO B 95 -14.19 11.45 -8.32
C PRO B 95 -13.33 10.38 -8.95
N GLU B 96 -12.03 10.52 -8.79
CA GLU B 96 -11.07 9.54 -9.25
C GLU B 96 -10.53 8.69 -8.05
N TYR B 97 -10.56 9.26 -6.84
CA TYR B 97 -10.01 8.56 -5.66
C TYR B 97 -11.08 7.85 -4.88
N ILE B 98 -12.04 8.60 -4.40
CA ILE B 98 -13.05 8.08 -3.50
C ILE B 98 -14.33 8.02 -4.30
N VAL B 99 -14.78 6.81 -4.57
CA VAL B 99 -15.93 6.57 -5.42
C VAL B 99 -17.13 6.10 -4.60
N THR B 100 -18.32 6.52 -4.99
CA THR B 100 -19.54 6.18 -4.30
C THR B 100 -20.11 4.84 -4.82
N ARG B 101 -20.55 3.97 -3.92
CA ARG B 101 -21.30 2.84 -4.36
C ARG B 101 -22.68 3.16 -3.89
N ARG B 102 -23.58 3.49 -4.81
CA ARG B 102 -24.89 4.05 -4.48
C ARG B 102 -25.67 3.16 -3.53
N GLY B 103 -26.18 3.75 -2.46
CA GLY B 103 -26.97 2.99 -1.47
C GLY B 103 -26.14 2.13 -0.47
N VAL B 104 -24.82 2.06 -0.64
CA VAL B 104 -23.98 1.20 0.22
C VAL B 104 -22.85 1.97 0.95
N GLY B 105 -22.06 2.73 0.20
CA GLY B 105 -20.87 3.34 0.80
C GLY B 105 -19.88 3.84 -0.21
N TYR B 106 -18.62 3.67 0.12
CA TYR B 106 -17.55 4.28 -0.64
C TYR B 106 -16.42 3.28 -0.80
N PHE B 107 -15.62 3.46 -1.84
CA PHE B 107 -14.40 2.71 -1.92
C PHE B 107 -13.35 3.62 -2.49
N LEU B 108 -12.08 3.32 -2.19
CA LEU B 108 -11.00 4.03 -2.81
C LEU B 108 -10.52 3.16 -3.94
N GLN B 109 -10.37 3.71 -5.16
CA GLN B 109 -9.89 2.86 -6.22
C GLN B 109 -8.39 2.96 -6.51
N GLN B 110 -7.85 1.84 -7.03
CA GLN B 110 -6.44 1.72 -7.42
C GLN B 110 -6.21 2.38 -8.74
N HIS B 111 -4.95 2.73 -9.04
CA HIS B 111 -4.60 3.42 -10.29
C HIS B 111 -3.24 2.99 -10.82
#